data_4ER5
#
_entry.id   4ER5
#
_cell.length_a   150.605
_cell.length_b   150.605
_cell.length_c   53.179
_cell.angle_alpha   90.000
_cell.angle_beta   90.000
_cell.angle_gamma   120.000
#
_symmetry.space_group_name_H-M   'P 65'
#
loop_
_entity.id
_entity.type
_entity.pdbx_description
1 polymer 'Histone-lysine N-methyltransferase, H3 lysine-79 specific'
2 non-polymer 7-{5-[(3-{[(4-tert-butylphenyl)carbamoyl]amino}propyl)(propan-2-yl)amino]-5-deoxy-beta-D-ribofuranosyl}-7H-pyrrolo[2,3-d]pyrimidin-4-amine
3 non-polymer 'UNKNOWN ATOM OR ION'
4 water water
#
_entity_poly.entity_id   1
_entity_poly.type   'polypeptide(L)'
_entity_poly.pdbx_seq_one_letter_code
;GMGEKLELRLKSPVGAEPAVYPWPLPVYDKHHDAAHEIIETIRWVCEEIPDLKLAMENYVLIDYDTKSFESMQRLCDKYN
RAIDSIHQLWKGTTQPMKLNTRPSTGLLRHILQQVYNHSVTDPEKLNNYEPFSPEVYGETSFDLVAQMIDEIKMTDDDLF
VDLGSGVGQVVLQVAAATNCKHHYGVEKADIPAKYAETMDREFRKWMKWYGKKHAEYTLERGDFLSEEWRERIANTSVIF
VNNFAFGPEVDHQLKERFANMKEGGRIVSSKPFAPLNFRINSRNLSDIGTIMRVVELSPLKGSVSWTGKPVSYYLHTIDR
TILENYFSSLKNPKLREEQEAARRRQQRESKSNAATPTKGPEGKVAGPADAPMDSGAEEEKAGAATVKKPSPSKARKKKL
NKKGRKMAGRKRG
;
_entity_poly.pdbx_strand_id   A
#
loop_
_chem_comp.id
_chem_comp.type
_chem_comp.name
_chem_comp.formula
0QK non-polymer 7-{5-[(3-{[(4-tert-butylphenyl)carbamoyl]amino}propyl)(propan-2-yl)amino]-5-deoxy-beta-D-ribofuranosyl}-7H-pyrrolo[2,3-d]pyrimidin-4-amine 'C28 H41 N7 O4'
UNX non-polymer 'UNKNOWN ATOM OR ION' ?
#
# COMPACT_ATOMS: atom_id res chain seq x y z
N LYS A 5 -5.23 10.05 37.22
CA LYS A 5 -4.90 9.84 35.77
C LYS A 5 -4.49 11.14 35.08
N LEU A 6 -3.44 11.05 34.26
CA LEU A 6 -2.98 12.17 33.45
C LEU A 6 -3.09 11.77 31.99
N GLU A 7 -3.14 12.79 31.14
CA GLU A 7 -3.47 12.64 29.73
C GLU A 7 -2.78 13.68 28.88
N LEU A 8 -2.58 13.36 27.61
CA LEU A 8 -2.22 14.36 26.63
C LEU A 8 -3.27 14.27 25.54
N ARG A 9 -3.69 15.43 25.02
CA ARG A 9 -4.65 15.52 23.93
C ARG A 9 -4.07 16.32 22.81
N LEU A 10 -4.32 15.89 21.57
CA LEU A 10 -4.04 16.68 20.40
C LEU A 10 -5.35 16.93 19.71
N LYS A 11 -5.62 18.20 19.42
CA LYS A 11 -6.77 18.56 18.62
C LYS A 11 -6.57 18.22 17.17
N SER A 12 -7.65 17.76 16.54
CA SER A 12 -7.72 17.52 15.10
C SER A 12 -7.70 18.82 14.32
N PRO A 13 -6.93 18.89 13.22
CA PRO A 13 -6.98 20.15 12.47
C PRO A 13 -8.28 20.42 11.75
N VAL A 14 -9.16 19.44 11.63
CA VAL A 14 -10.46 19.63 10.97
C VAL A 14 -11.62 19.41 11.94
N GLY A 15 -11.36 19.48 13.24
CA GLY A 15 -12.43 19.41 14.24
C GLY A 15 -13.03 18.04 14.54
N ALA A 16 -12.38 16.97 14.10
CA ALA A 16 -12.72 15.64 14.60
C ALA A 16 -12.42 15.54 16.11
N GLU A 17 -12.79 14.43 16.73
CA GLU A 17 -12.52 14.22 18.17
C GLU A 17 -11.01 14.18 18.43
N PRO A 18 -10.57 14.78 19.55
CA PRO A 18 -9.13 14.86 19.78
C PRO A 18 -8.47 13.50 20.00
N ALA A 19 -7.19 13.40 19.68
CA ALA A 19 -6.44 12.19 19.97
C ALA A 19 -6.08 12.30 21.43
N VAL A 20 -6.33 11.25 22.22
CA VAL A 20 -6.06 11.23 23.64
C VAL A 20 -5.09 10.12 24.00
N TYR A 21 -4.09 10.44 24.82
CA TYR A 21 -3.03 9.53 25.18
C TYR A 21 -2.87 9.53 26.67
N PRO A 22 -2.78 8.35 27.28
CA PRO A 22 -2.56 8.29 28.70
C PRO A 22 -1.11 8.62 29.04
N TRP A 23 -0.87 9.09 30.26
CA TRP A 23 0.49 9.25 30.75
C TRP A 23 0.71 8.32 31.93
N PRO A 24 1.87 7.64 31.99
CA PRO A 24 2.97 7.64 31.02
C PRO A 24 2.57 7.16 29.65
N LEU A 25 3.22 7.73 28.63
CA LEU A 25 2.93 7.42 27.25
C LEU A 25 3.33 5.99 26.91
N PRO A 26 2.43 5.22 26.26
CA PRO A 26 2.74 3.85 25.88
C PRO A 26 3.89 3.71 24.89
N VAL A 27 4.60 2.59 25.00
CA VAL A 27 5.58 2.13 24.02
C VAL A 27 4.88 1.05 23.19
N TYR A 28 4.97 1.15 21.86
CA TYR A 28 4.26 0.22 20.98
C TYR A 28 5.11 -0.99 20.61
N ASP A 29 6.40 -0.76 20.38
CA ASP A 29 7.36 -1.83 20.18
C ASP A 29 8.77 -1.25 20.36
N LYS A 30 9.78 -1.93 19.83
CA LYS A 30 11.17 -1.60 20.15
C LYS A 30 11.58 -0.28 19.50
N HIS A 31 10.88 0.09 18.44
CA HIS A 31 11.18 1.31 17.70
C HIS A 31 10.09 2.38 17.73
N HIS A 32 8.88 2.03 18.17
CA HIS A 32 7.80 2.99 18.18
C HIS A 32 7.23 3.17 19.58
N ASP A 33 6.91 4.42 19.90
CA ASP A 33 6.23 4.75 21.13
C ASP A 33 5.37 6.00 20.95
N ALA A 34 4.47 6.22 21.90
CA ALA A 34 3.46 7.29 21.75
C ALA A 34 4.04 8.71 21.77
N ALA A 35 5.15 8.93 22.48
CA ALA A 35 5.80 10.23 22.48
C ALA A 35 6.28 10.64 21.09
N HIS A 36 6.86 9.70 20.35
CA HIS A 36 7.30 10.02 19.00
C HIS A 36 6.14 10.14 18.04
N GLU A 37 5.14 9.30 18.18
CA GLU A 37 3.92 9.49 17.41
C GLU A 37 3.31 10.91 17.63
N ILE A 38 3.27 11.39 18.87
CA ILE A 38 2.73 12.72 19.13
C ILE A 38 3.57 13.80 18.44
N ILE A 39 4.87 13.78 18.68
CA ILE A 39 5.76 14.72 18.03
C ILE A 39 5.64 14.69 16.52
N GLU A 40 5.55 13.49 15.96
CA GLU A 40 5.45 13.35 14.50
C GLU A 40 4.09 13.77 13.95
N THR A 41 3.02 13.58 14.70
CA THR A 41 1.70 14.07 14.31
C THR A 41 1.72 15.58 14.26
N ILE A 42 2.21 16.20 15.32
CA ILE A 42 2.35 17.64 15.34
C ILE A 42 3.11 18.11 14.11
N ARG A 43 4.23 17.47 13.82
CA ARG A 43 5.07 17.83 12.68
CA ARG A 43 5.07 17.87 12.69
C ARG A 43 4.33 17.71 11.36
N TRP A 44 3.54 16.64 11.22
CA TRP A 44 2.83 16.44 9.98
C TRP A 44 1.65 17.40 9.80
N VAL A 45 0.93 17.70 10.88
CA VAL A 45 -0.13 18.69 10.76
C VAL A 45 0.48 20.02 10.35
N CYS A 46 1.66 20.35 10.88
CA CYS A 46 2.37 21.55 10.41
C CYS A 46 2.72 21.54 8.91
N GLU A 47 2.94 20.38 8.31
CA GLU A 47 3.15 20.33 6.86
C GLU A 47 1.83 20.53 6.10
N GLU A 48 0.73 20.04 6.65
CA GLU A 48 -0.59 20.25 6.04
C GLU A 48 -0.99 21.73 5.99
N ILE A 49 -0.54 22.50 6.99
CA ILE A 49 -1.02 23.85 7.25
C ILE A 49 0.17 24.83 7.54
N PRO A 50 0.62 25.58 6.52
CA PRO A 50 1.72 26.53 6.64
C PRO A 50 1.63 27.47 7.82
N ASP A 51 0.46 28.07 8.01
CA ASP A 51 0.30 29.05 9.07
C ASP A 51 0.51 28.42 10.44
N LEU A 52 0.16 27.16 10.56
CA LEU A 52 0.46 26.43 11.79
C LEU A 52 1.97 26.29 11.99
N LYS A 53 2.66 25.92 10.90
CA LYS A 53 4.12 25.76 10.93
C LYS A 53 4.75 27.07 11.33
N LEU A 54 4.33 28.17 10.70
CA LEU A 54 4.79 29.51 11.09
C LEU A 54 4.61 29.76 12.58
N ALA A 55 3.43 29.48 13.11
CA ALA A 55 3.08 29.85 14.50
C ALA A 55 3.72 28.95 15.57
N MET A 56 4.30 27.82 15.15
CA MET A 56 5.08 27.01 16.06
C MET A 56 6.46 27.64 16.05
N GLU A 57 6.56 28.75 16.80
CA GLU A 57 7.69 29.70 16.77
C GLU A 57 9.01 29.07 16.32
N TYR A 64 12.82 19.54 24.09
CA TYR A 64 11.70 18.58 24.22
C TYR A 64 12.18 17.23 24.79
N ASP A 65 11.98 17.07 26.10
CA ASP A 65 12.29 15.84 26.85
C ASP A 65 11.02 14.99 26.91
N THR A 66 11.07 13.83 26.27
CA THR A 66 9.87 12.98 26.10
C THR A 66 9.48 12.16 27.34
N LYS A 67 10.31 12.23 28.39
CA LYS A 67 10.00 11.54 29.63
C LYS A 67 9.46 12.50 30.69
N SER A 68 9.49 13.81 30.40
CA SER A 68 8.90 14.80 31.29
C SER A 68 7.48 15.10 30.85
N PHE A 69 6.52 14.93 31.74
CA PHE A 69 5.13 15.23 31.45
C PHE A 69 4.95 16.72 31.10
N GLU A 70 5.51 17.58 31.94
CA GLU A 70 5.38 19.03 31.77
C GLU A 70 5.88 19.45 30.41
N SER A 71 7.08 18.99 30.04
CA SER A 71 7.67 19.34 28.75
C SER A 71 6.81 18.87 27.54
N MET A 72 6.16 17.72 27.69
CA MET A 72 5.29 17.16 26.65
C MET A 72 3.94 17.83 26.66
N GLN A 73 3.45 18.23 27.85
CA GLN A 73 2.21 19.01 27.93
C GLN A 73 2.39 20.43 27.36
N ARG A 74 3.57 20.99 27.55
CA ARG A 74 3.88 22.32 27.00
C ARG A 74 3.91 22.26 25.48
N LEU A 75 4.34 21.13 24.94
CA LEU A 75 4.30 20.92 23.49
C LEU A 75 2.86 20.72 22.99
N CYS A 76 2.04 19.95 23.71
CA CYS A 76 0.68 19.72 23.26
C CYS A 76 -0.18 20.96 23.38
N ASP A 77 -0.08 21.66 24.52
CA ASP A 77 -0.75 22.91 24.74
C ASP A 77 -0.42 23.83 23.60
N LYS A 78 0.86 23.97 23.31
CA LYS A 78 1.29 24.91 22.29
C LYS A 78 0.69 24.56 20.93
N TYR A 79 0.60 23.27 20.64
CA TYR A 79 0.04 22.84 19.38
C TYR A 79 -1.47 23.12 19.36
N ASN A 80 -2.13 22.83 20.48
CA ASN A 80 -3.57 23.00 20.58
C ASN A 80 -4.02 24.47 20.52
N ARG A 81 -3.27 25.36 21.15
CA ARG A 81 -3.56 26.79 21.07
C ARG A 81 -3.37 27.25 19.64
N ALA A 82 -2.32 26.77 19.00
CA ALA A 82 -2.06 27.14 17.61
C ALA A 82 -3.21 26.68 16.73
N ILE A 83 -3.75 25.49 16.98
CA ILE A 83 -4.90 24.97 16.20
C ILE A 83 -6.17 25.83 16.37
N ASP A 84 -6.44 26.22 17.61
CA ASP A 84 -7.56 27.09 17.92
C ASP A 84 -7.47 28.40 17.17
N SER A 85 -6.28 28.97 17.14
CA SER A 85 -6.10 30.23 16.44
C SER A 85 -6.23 30.08 14.93
N ILE A 86 -5.90 28.90 14.38
CA ILE A 86 -6.06 28.66 12.95
C ILE A 86 -7.54 28.47 12.60
N HIS A 87 -8.31 27.93 13.53
CA HIS A 87 -9.75 27.75 13.31
C HIS A 87 -10.45 29.10 13.29
N GLN A 88 -9.98 30.00 14.13
CA GLN A 88 -10.41 31.39 14.10
C GLN A 88 -10.05 32.07 12.77
N LEU A 89 -8.83 31.89 12.33
CA LEU A 89 -8.39 32.46 11.08
C LEU A 89 -9.28 32.03 9.93
N TRP A 90 -9.68 30.75 9.93
CA TRP A 90 -10.56 30.20 8.90
C TRP A 90 -11.97 30.76 8.96
N LYS A 91 -12.45 31.10 10.16
CA LYS A 91 -13.78 31.67 10.28
C LYS A 91 -13.84 33.04 9.61
N GLY A 92 -12.73 33.79 9.65
CA GLY A 92 -12.62 35.05 8.93
C GLY A 92 -12.52 34.85 7.42
N THR A 93 -12.00 35.85 6.74
CA THR A 93 -11.96 35.82 5.27
C THR A 93 -11.04 34.72 4.71
N THR A 94 -10.02 34.34 5.47
CA THR A 94 -9.11 33.28 5.05
C THR A 94 -9.87 32.01 4.67
N GLN A 95 -9.33 31.29 3.69
CA GLN A 95 -9.94 30.07 3.19
C GLN A 95 -9.50 28.91 4.09
N PRO A 96 -10.45 28.04 4.46
CA PRO A 96 -10.05 26.80 5.14
C PRO A 96 -9.15 25.90 4.29
N MET A 97 -8.58 24.89 4.93
CA MET A 97 -7.82 23.85 4.27
C MET A 97 -8.77 23.10 3.36
N LYS A 98 -8.32 22.78 2.14
CA LYS A 98 -9.10 21.92 1.24
C LYS A 98 -9.30 20.58 1.95
N LEU A 99 -10.55 20.11 2.02
CA LEU A 99 -10.89 18.91 2.79
C LEU A 99 -11.07 17.67 1.93
N ASN A 100 -11.08 17.84 0.61
CA ASN A 100 -11.34 16.72 -0.30
C ASN A 100 -10.10 15.96 -0.78
N THR A 101 -8.94 16.14 -0.14
CA THR A 101 -7.68 15.75 -0.77
C THR A 101 -7.09 14.45 -0.25
N ARG A 102 -6.10 13.96 -0.97
CA ARG A 102 -5.37 12.77 -0.59
C ARG A 102 -4.11 13.18 0.15
N PRO A 103 -3.62 12.30 1.01
CA PRO A 103 -2.41 12.61 1.75
C PRO A 103 -1.18 12.48 0.90
N SER A 104 -0.21 13.37 1.07
CA SER A 104 1.09 13.18 0.48
C SER A 104 1.69 11.86 0.94
N THR A 105 2.67 11.37 0.23
CA THR A 105 3.33 10.14 0.58
C THR A 105 3.88 10.15 2.00
N GLY A 106 4.57 11.22 2.36
CA GLY A 106 5.14 11.36 3.70
C GLY A 106 4.11 11.31 4.82
N LEU A 107 2.97 11.97 4.61
CA LEU A 107 1.95 12.01 5.64
C LEU A 107 1.31 10.63 5.72
N LEU A 108 1.10 10.02 4.56
CA LEU A 108 0.53 8.67 4.50
C LEU A 108 1.40 7.68 5.24
N ARG A 109 2.71 7.77 5.09
CA ARG A 109 3.58 6.90 5.83
C ARG A 109 3.32 7.05 7.33
N HIS A 110 3.21 8.30 7.81
CA HIS A 110 2.95 8.55 9.22
C HIS A 110 1.58 8.01 9.63
N ILE A 111 0.55 8.33 8.86
CA ILE A 111 -0.79 7.85 9.19
C ILE A 111 -0.85 6.32 9.27
N LEU A 112 -0.21 5.63 8.33
CA LEU A 112 -0.22 4.16 8.36
C LEU A 112 0.55 3.61 9.57
N GLN A 113 1.66 4.25 9.94
CA GLN A 113 2.40 3.81 11.13
C GLN A 113 1.54 3.97 12.38
N GLN A 114 0.81 5.08 12.41
CA GLN A 114 -0.08 5.38 13.50
C GLN A 114 -1.26 4.38 13.56
N VAL A 115 -1.86 4.07 12.42
CA VAL A 115 -2.94 3.06 12.35
C VAL A 115 -2.43 1.69 12.83
N TYR A 116 -1.24 1.33 12.38
CA TYR A 116 -0.60 0.11 12.78
C TYR A 116 -0.32 0.08 14.29
N ASN A 117 0.21 1.18 14.82
CA ASN A 117 0.49 1.30 16.27
C ASN A 117 -0.75 1.00 17.12
N HIS A 118 -1.88 1.57 16.74
CA HIS A 118 -3.11 1.40 17.49
C HIS A 118 -3.88 0.12 17.17
N SER A 119 -3.51 -0.59 16.11
CA SER A 119 -4.29 -1.74 15.64
C SER A 119 -3.63 -3.05 15.97
N VAL A 120 -2.36 -3.18 15.61
CA VAL A 120 -1.67 -4.44 15.74
C VAL A 120 -1.13 -4.55 17.16
N THR A 121 -1.90 -5.17 18.03
CA THR A 121 -1.63 -5.10 19.47
C THR A 121 -0.35 -5.86 19.87
N ASP A 122 -0.07 -6.98 19.20
CA ASP A 122 1.22 -7.68 19.37
C ASP A 122 1.79 -8.02 17.99
N PRO A 123 2.60 -7.10 17.42
CA PRO A 123 3.19 -7.28 16.09
C PRO A 123 4.12 -8.48 15.95
N GLU A 124 4.60 -9.04 17.05
CA GLU A 124 5.42 -10.27 16.99
C GLU A 124 4.62 -11.51 16.55
N LYS A 125 3.30 -11.49 16.74
CA LYS A 125 2.43 -12.60 16.28
C LYS A 125 2.37 -12.70 14.75
N LEU A 126 2.48 -11.56 14.06
CA LEU A 126 2.44 -11.55 12.60
C LEU A 126 3.75 -12.05 12.05
N ASN A 127 3.68 -12.89 11.02
CA ASN A 127 4.87 -13.42 10.37
C ASN A 127 5.55 -12.37 9.52
N ASN A 128 6.89 -12.39 9.50
CA ASN A 128 7.66 -11.52 8.62
C ASN A 128 7.35 -11.80 7.16
N TYR A 129 7.30 -10.74 6.37
CA TYR A 129 7.09 -10.85 4.93
C TYR A 129 8.44 -10.77 4.23
N GLU A 130 8.97 -11.93 3.83
CA GLU A 130 10.19 -11.96 3.02
C GLU A 130 9.90 -11.25 1.69
N PRO A 131 10.89 -10.50 1.14
CA PRO A 131 12.29 -10.37 1.57
C PRO A 131 12.61 -9.17 2.49
N PHE A 132 11.59 -8.55 3.07
CA PHE A 132 11.80 -7.32 3.85
C PHE A 132 12.32 -7.62 5.25
N SER A 133 13.00 -6.64 5.83
CA SER A 133 13.50 -6.73 7.20
C SER A 133 12.31 -6.84 8.18
N PRO A 134 12.46 -7.70 9.21
CA PRO A 134 11.38 -7.93 10.18
C PRO A 134 11.24 -6.86 11.28
N GLU A 135 12.29 -6.07 11.51
CA GLU A 135 12.23 -5.01 12.53
C GLU A 135 12.10 -3.61 11.91
N VAL A 136 11.44 -3.53 10.76
CA VAL A 136 11.51 -2.35 9.88
C VAL A 136 10.17 -1.64 9.60
N TYR A 137 9.05 -2.38 9.65
CA TYR A 137 7.69 -1.77 9.56
C TYR A 137 7.44 -1.05 8.23
N GLY A 138 7.93 -1.65 7.15
CA GLY A 138 7.69 -1.12 5.81
C GLY A 138 8.61 0.00 5.38
N GLU A 139 9.66 0.27 6.17
CA GLU A 139 10.64 1.30 5.82
C GLU A 139 11.33 1.04 4.46
N THR A 140 10.97 -0.05 3.78
CA THR A 140 11.24 -0.16 2.35
C THR A 140 10.05 -0.67 1.55
N SER A 141 9.23 -1.54 2.12
CA SER A 141 8.06 -2.01 1.38
C SER A 141 7.11 -0.84 1.08
N PHE A 142 6.93 0.04 2.05
CA PHE A 142 6.14 1.25 1.85
C PHE A 142 6.65 2.03 0.64
N ASP A 143 7.96 2.23 0.58
CA ASP A 143 8.61 2.95 -0.52
C ASP A 143 8.47 2.27 -1.87
N LEU A 144 8.56 0.94 -1.92
CA LEU A 144 8.40 0.21 -3.17
C LEU A 144 7.02 0.39 -3.70
N VAL A 145 6.04 0.25 -2.82
CA VAL A 145 4.66 0.41 -3.24
C VAL A 145 4.47 1.84 -3.73
N ALA A 146 5.06 2.80 -3.02
CA ALA A 146 4.99 4.20 -3.43
C ALA A 146 5.54 4.36 -4.84
N GLN A 147 6.70 3.78 -5.11
CA GLN A 147 7.24 3.82 -6.45
C GLN A 147 6.24 3.26 -7.47
N MET A 148 5.63 2.12 -7.16
CA MET A 148 4.69 1.49 -8.07
C MET A 148 3.45 2.33 -8.28
N ILE A 149 2.98 2.99 -7.24
CA ILE A 149 1.79 3.81 -7.38
C ILE A 149 2.04 4.90 -8.42
N ASP A 150 3.23 5.49 -8.38
CA ASP A 150 3.64 6.48 -9.39
C ASP A 150 3.81 5.90 -10.78
N GLU A 151 4.43 4.72 -10.89
CA GLU A 151 4.74 4.13 -12.21
C GLU A 151 3.55 3.49 -12.93
N ILE A 152 2.56 3.01 -12.18
CA ILE A 152 1.43 2.30 -12.75
C ILE A 152 0.28 3.26 -12.82
N LYS A 153 -0.13 3.68 -14.01
CA LYS A 153 -1.27 4.59 -14.08
C LYS A 153 -2.48 3.78 -13.66
N MET A 154 -3.23 4.32 -12.71
CA MET A 154 -4.47 3.71 -12.26
C MET A 154 -5.56 4.77 -12.36
N THR A 155 -6.72 4.36 -12.84
CA THR A 155 -7.84 5.26 -13.07
C THR A 155 -9.05 4.64 -12.41
N ASP A 156 -10.17 5.34 -12.49
CA ASP A 156 -11.36 4.90 -11.78
C ASP A 156 -12.08 3.71 -12.42
N ASP A 157 -11.55 3.19 -13.53
CA ASP A 157 -12.10 1.98 -14.12
C ASP A 157 -11.37 0.74 -13.63
N ASP A 158 -10.39 0.93 -12.74
CA ASP A 158 -9.54 -0.18 -12.28
C ASP A 158 -10.05 -0.75 -10.98
N LEU A 159 -9.84 -2.06 -10.81
CA LEU A 159 -10.01 -2.73 -9.55
C LEU A 159 -8.64 -3.30 -9.13
N PHE A 160 -8.32 -3.09 -7.86
CA PHE A 160 -7.02 -3.43 -7.30
C PHE A 160 -7.16 -4.56 -6.31
N VAL A 161 -6.23 -5.51 -6.35
CA VAL A 161 -6.14 -6.51 -5.30
C VAL A 161 -4.71 -6.71 -4.83
N ASP A 162 -4.53 -6.81 -3.52
CA ASP A 162 -3.31 -7.32 -2.90
C ASP A 162 -3.58 -8.75 -2.48
N LEU A 163 -2.83 -9.68 -3.07
CA LEU A 163 -3.10 -11.11 -2.87
C LEU A 163 -2.31 -11.62 -1.67
N GLY A 164 -3.01 -11.89 -0.58
CA GLY A 164 -2.37 -12.26 0.67
C GLY A 164 -2.02 -10.97 1.34
N SER A 165 -3.02 -10.31 1.91
CA SER A 165 -2.88 -8.90 2.29
C SER A 165 -2.44 -8.60 3.75
N GLY A 166 -2.15 -9.63 4.52
CA GLY A 166 -1.69 -9.42 5.89
C GLY A 166 -2.65 -8.55 6.67
N VAL A 167 -2.15 -7.50 7.32
CA VAL A 167 -3.06 -6.66 8.08
C VAL A 167 -3.64 -5.55 7.23
N GLY A 168 -3.31 -5.53 5.93
CA GLY A 168 -3.91 -4.59 4.99
C GLY A 168 -3.05 -3.38 4.71
N GLN A 169 -1.78 -3.46 5.04
CA GLN A 169 -0.91 -2.31 4.98
C GLN A 169 -0.77 -1.79 3.54
N VAL A 170 -0.77 -2.68 2.55
CA VAL A 170 -0.58 -2.23 1.17
C VAL A 170 -1.87 -1.77 0.53
N VAL A 171 -2.96 -2.48 0.81
CA VAL A 171 -4.27 -2.04 0.34
C VAL A 171 -4.61 -0.62 0.81
N LEU A 172 -4.35 -0.32 2.08
CA LEU A 172 -4.66 1.01 2.61
C LEU A 172 -3.76 2.10 1.99
N GLN A 173 -2.47 1.81 1.82
CA GLN A 173 -1.60 2.74 1.10
C GLN A 173 -2.19 3.02 -0.29
N VAL A 174 -2.46 1.96 -1.03
CA VAL A 174 -2.90 2.14 -2.41
C VAL A 174 -4.24 2.85 -2.44
N ALA A 175 -5.12 2.49 -1.52
CA ALA A 175 -6.44 3.13 -1.46
C ALA A 175 -6.34 4.63 -1.11
N ALA A 176 -5.41 5.00 -0.23
CA ALA A 176 -5.17 6.41 0.10
C ALA A 176 -4.71 7.19 -1.13
N ALA A 177 -3.91 6.55 -1.98
CA ALA A 177 -3.21 7.25 -3.05
C ALA A 177 -3.89 7.27 -4.41
N THR A 178 -4.79 6.33 -4.72
CA THR A 178 -5.27 6.15 -6.10
C THR A 178 -6.77 6.28 -6.25
N ASN A 179 -7.20 6.24 -7.51
CA ASN A 179 -8.60 6.36 -7.92
C ASN A 179 -9.32 5.08 -8.31
N CYS A 180 -8.70 3.91 -8.13
CA CYS A 180 -9.37 2.67 -8.50
C CYS A 180 -10.78 2.67 -7.91
N LYS A 181 -11.73 2.16 -8.68
CA LYS A 181 -13.10 2.01 -8.22
C LYS A 181 -13.17 1.31 -6.86
N HIS A 182 -12.36 0.29 -6.66
CA HIS A 182 -12.35 -0.45 -5.40
C HIS A 182 -11.00 -1.13 -5.23
N HIS A 183 -10.60 -1.27 -3.97
CA HIS A 183 -9.35 -1.92 -3.59
C HIS A 183 -9.67 -3.05 -2.65
N TYR A 184 -9.13 -4.25 -2.93
CA TYR A 184 -9.36 -5.40 -2.08
C TYR A 184 -8.07 -5.98 -1.55
N GLY A 185 -8.17 -6.51 -0.33
CA GLY A 185 -7.14 -7.36 0.22
C GLY A 185 -7.81 -8.65 0.64
N VAL A 186 -7.19 -9.78 0.30
CA VAL A 186 -7.70 -11.06 0.74
C VAL A 186 -6.63 -11.74 1.58
N GLU A 187 -7.00 -12.14 2.79
CA GLU A 187 -6.07 -12.75 3.74
C GLU A 187 -6.67 -14.03 4.30
N LYS A 188 -5.82 -15.01 4.50
CA LYS A 188 -6.22 -16.38 4.78
C LYS A 188 -6.11 -16.75 6.27
N ALA A 189 -5.15 -16.16 6.99
CA ALA A 189 -4.84 -16.57 8.37
C ALA A 189 -5.66 -15.76 9.40
N ASP A 190 -5.97 -16.37 10.56
CA ASP A 190 -6.84 -15.74 11.57
C ASP A 190 -6.28 -14.46 12.10
N ILE A 191 -5.05 -14.55 12.59
CA ILE A 191 -4.40 -13.44 13.30
C ILE A 191 -4.33 -12.17 12.44
N PRO A 192 -3.70 -12.26 11.26
CA PRO A 192 -3.69 -11.06 10.42
C PRO A 192 -5.08 -10.59 10.02
N ALA A 193 -5.98 -11.51 9.67
CA ALA A 193 -7.35 -11.09 9.32
C ALA A 193 -8.02 -10.29 10.44
N LYS A 194 -7.85 -10.73 11.68
CA LYS A 194 -8.46 -10.03 12.83
C LYS A 194 -7.88 -8.63 12.99
N TYR A 195 -6.57 -8.49 12.85
CA TYR A 195 -5.99 -7.17 12.94
C TYR A 195 -6.50 -6.26 11.83
N ALA A 196 -6.64 -6.80 10.63
CA ALA A 196 -7.21 -6.08 9.48
C ALA A 196 -8.55 -5.45 9.84
N GLU A 197 -9.39 -6.18 10.57
CA GLU A 197 -10.66 -5.60 11.04
C GLU A 197 -10.42 -4.28 11.77
N THR A 198 -9.38 -4.25 12.63
CA THR A 198 -9.07 -3.05 13.41
C THR A 198 -8.34 -2.00 12.58
N MET A 199 -7.42 -2.43 11.73
CA MET A 199 -6.73 -1.51 10.83
C MET A 199 -7.76 -0.71 10.05
N ASP A 200 -8.77 -1.36 9.51
CA ASP A 200 -9.83 -0.67 8.81
C ASP A 200 -10.46 0.45 9.67
N ARG A 201 -10.97 0.09 10.86
CA ARG A 201 -11.54 1.05 11.80
C ARG A 201 -10.58 2.24 12.07
N GLU A 202 -9.37 1.93 12.51
CA GLU A 202 -8.41 2.97 12.82
C GLU A 202 -8.01 3.82 11.62
N PHE A 203 -7.91 3.20 10.45
CA PHE A 203 -7.58 3.96 9.25
C PHE A 203 -8.69 4.96 8.94
N ARG A 204 -9.94 4.54 8.95
CA ARG A 204 -11.05 5.47 8.66
CA ARG A 204 -11.02 5.47 8.63
C ARG A 204 -11.03 6.64 9.65
N LYS A 205 -10.80 6.32 10.93
CA LYS A 205 -10.76 7.32 11.97
C LYS A 205 -9.58 8.30 11.81
N TRP A 206 -8.37 7.81 11.63
CA TRP A 206 -7.24 8.73 11.48
C TRP A 206 -7.29 9.58 10.20
N MET A 207 -7.79 9.04 9.10
CA MET A 207 -7.94 9.84 7.89
C MET A 207 -8.96 10.95 8.08
N LYS A 208 -10.06 10.64 8.77
CA LYS A 208 -10.99 11.69 9.19
C LYS A 208 -10.27 12.73 10.05
N TRP A 209 -9.48 12.29 11.01
CA TRP A 209 -8.81 13.18 11.94
C TRP A 209 -7.93 14.22 11.22
N TYR A 210 -7.22 13.79 10.17
CA TYR A 210 -6.35 14.66 9.37
C TYR A 210 -7.07 15.34 8.22
N GLY A 211 -8.30 14.96 7.92
CA GLY A 211 -9.08 15.66 6.90
C GLY A 211 -8.78 15.21 5.50
N LYS A 212 -8.45 13.94 5.36
CA LYS A 212 -8.00 13.38 4.11
C LYS A 212 -8.97 12.32 3.65
N LYS A 213 -9.01 12.09 2.35
CA LYS A 213 -9.89 11.10 1.78
C LYS A 213 -9.12 9.89 1.25
N HIS A 214 -9.86 8.80 1.12
CA HIS A 214 -9.33 7.59 0.52
C HIS A 214 -10.34 7.06 -0.48
N ALA A 215 -9.91 6.15 -1.33
CA ALA A 215 -10.81 5.47 -2.25
C ALA A 215 -11.45 4.31 -1.48
N GLU A 216 -12.49 3.73 -2.05
CA GLU A 216 -13.13 2.58 -1.43
C GLU A 216 -12.19 1.37 -1.36
N TYR A 217 -12.26 0.65 -0.25
CA TYR A 217 -11.52 -0.59 -0.10
C TYR A 217 -12.27 -1.56 0.79
N THR A 218 -11.93 -2.84 0.68
CA THR A 218 -12.46 -3.88 1.53
C THR A 218 -11.35 -4.86 1.87
N LEU A 219 -11.13 -5.08 3.16
CA LEU A 219 -10.25 -6.15 3.61
C LEU A 219 -11.12 -7.36 3.93
N GLU A 220 -10.87 -8.46 3.23
CA GLU A 220 -11.69 -9.66 3.33
C GLU A 220 -10.90 -10.85 3.83
N ARG A 221 -11.59 -11.74 4.50
CA ARG A 221 -11.05 -13.01 4.91
C ARG A 221 -11.31 -13.98 3.77
N GLY A 222 -10.28 -14.66 3.27
CA GLY A 222 -10.44 -15.62 2.19
C GLY A 222 -9.16 -16.31 1.79
N ASP A 223 -9.26 -17.27 0.87
CA ASP A 223 -8.11 -17.87 0.20
C ASP A 223 -8.17 -17.51 -1.30
N PHE A 224 -7.10 -16.94 -1.85
CA PHE A 224 -7.12 -16.47 -3.23
C PHE A 224 -7.01 -17.60 -4.27
N LEU A 225 -6.75 -18.81 -3.81
CA LEU A 225 -6.83 -20.00 -4.67
C LEU A 225 -8.23 -20.63 -4.71
N SER A 226 -9.12 -20.24 -3.79
CA SER A 226 -10.51 -20.71 -3.81
C SER A 226 -11.23 -20.34 -5.11
N GLU A 227 -12.26 -21.11 -5.44
CA GLU A 227 -13.07 -20.93 -6.66
C GLU A 227 -13.74 -19.55 -6.77
N GLU A 228 -14.23 -19.02 -5.65
CA GLU A 228 -14.76 -17.67 -5.63
C GLU A 228 -13.74 -16.68 -6.19
N TRP A 229 -12.47 -16.86 -5.82
CA TRP A 229 -11.46 -15.92 -6.29
C TRP A 229 -11.01 -16.13 -7.74
N ARG A 230 -11.40 -17.25 -8.36
CA ARG A 230 -11.12 -17.43 -9.77
C ARG A 230 -11.74 -16.34 -10.61
N GLU A 231 -13.04 -16.15 -10.49
CA GLU A 231 -13.74 -15.15 -11.28
C GLU A 231 -13.26 -13.75 -10.88
N ARG A 232 -12.94 -13.57 -9.60
CA ARG A 232 -12.58 -12.26 -9.08
C ARG A 232 -11.20 -11.83 -9.58
N ILE A 233 -10.25 -12.76 -9.58
CA ILE A 233 -8.96 -12.51 -10.22
C ILE A 233 -9.16 -12.18 -11.68
N ALA A 234 -10.02 -12.94 -12.37
CA ALA A 234 -10.30 -12.69 -13.79
C ALA A 234 -10.77 -11.26 -14.08
N ASN A 235 -11.55 -10.68 -13.16
CA ASN A 235 -12.10 -9.34 -13.31
C ASN A 235 -11.28 -8.21 -12.66
N THR A 236 -10.09 -8.52 -12.16
CA THR A 236 -9.24 -7.53 -11.55
C THR A 236 -8.30 -6.99 -12.61
N SER A 237 -8.08 -5.69 -12.63
CA SER A 237 -7.14 -5.10 -13.60
C SER A 237 -5.75 -4.80 -13.05
N VAL A 238 -5.60 -4.69 -11.73
CA VAL A 238 -4.28 -4.50 -11.13
C VAL A 238 -4.14 -5.39 -9.92
N ILE A 239 -3.12 -6.23 -9.93
CA ILE A 239 -2.82 -7.15 -8.86
C ILE A 239 -1.42 -6.86 -8.34
N PHE A 240 -1.28 -6.76 -7.02
CA PHE A 240 0.03 -6.75 -6.37
C PHE A 240 0.15 -8.06 -5.63
N VAL A 241 1.30 -8.71 -5.74
CA VAL A 241 1.50 -9.92 -4.99
C VAL A 241 2.98 -10.07 -4.64
N ASN A 242 3.27 -10.17 -3.36
CA ASN A 242 4.63 -10.44 -2.94
C ASN A 242 4.84 -11.95 -2.94
N ASN A 243 5.21 -12.50 -4.10
CA ASN A 243 5.30 -13.94 -4.28
C ASN A 243 6.71 -14.50 -4.15
N PHE A 244 7.66 -13.67 -3.71
CA PHE A 244 9.06 -14.09 -3.68
C PHE A 244 9.26 -15.43 -2.98
N ALA A 245 8.60 -15.63 -1.83
CA ALA A 245 8.78 -16.89 -1.08
C ALA A 245 7.76 -17.98 -1.43
N PHE A 246 6.90 -17.77 -2.41
CA PHE A 246 5.95 -18.81 -2.81
C PHE A 246 6.66 -20.01 -3.42
N GLY A 247 6.07 -21.19 -3.27
CA GLY A 247 6.63 -22.39 -3.86
C GLY A 247 6.19 -22.47 -5.29
N PRO A 248 6.77 -23.40 -6.07
CA PRO A 248 6.44 -23.50 -7.49
C PRO A 248 5.01 -23.99 -7.74
N GLU A 249 4.40 -24.65 -6.75
CA GLU A 249 3.04 -25.15 -6.89
C GLU A 249 2.06 -24.00 -6.81
N VAL A 250 2.23 -23.15 -5.80
CA VAL A 250 1.38 -21.98 -5.66
C VAL A 250 1.55 -20.98 -6.80
N ASP A 251 2.78 -20.70 -7.22
CA ASP A 251 3.00 -19.83 -8.38
C ASP A 251 2.29 -20.41 -9.64
N HIS A 252 2.29 -21.73 -9.77
CA HIS A 252 1.64 -22.38 -10.91
C HIS A 252 0.13 -22.19 -10.91
N GLN A 253 -0.47 -22.34 -9.74
CA GLN A 253 -1.91 -22.14 -9.62
C GLN A 253 -2.29 -20.69 -9.93
N LEU A 254 -1.45 -19.73 -9.54
CA LEU A 254 -1.72 -18.32 -9.81
C LEU A 254 -1.67 -18.05 -11.30
N LYS A 255 -0.71 -18.67 -11.98
CA LYS A 255 -0.64 -18.56 -13.44
C LYS A 255 -1.93 -19.00 -14.08
N GLU A 256 -2.54 -20.07 -13.57
CA GLU A 256 -3.83 -20.50 -14.07
C GLU A 256 -4.89 -19.42 -13.93
N ARG A 257 -4.91 -18.72 -12.81
CA ARG A 257 -5.87 -17.67 -12.56
C ARG A 257 -5.57 -16.45 -13.43
N PHE A 258 -4.30 -16.12 -13.60
CA PHE A 258 -3.94 -14.95 -14.37
C PHE A 258 -4.28 -15.17 -15.85
N ALA A 259 -4.25 -16.41 -16.30
CA ALA A 259 -4.63 -16.72 -17.70
C ALA A 259 -6.03 -16.26 -18.06
N ASN A 260 -6.90 -15.99 -17.08
CA ASN A 260 -8.25 -15.50 -17.37
C ASN A 260 -8.43 -13.99 -17.26
N MET A 261 -7.35 -13.26 -17.05
CA MET A 261 -7.45 -11.81 -16.91
C MET A 261 -7.71 -11.15 -18.27
N LYS A 262 -8.38 -10.00 -18.25
CA LYS A 262 -8.66 -9.24 -19.47
C LYS A 262 -7.39 -8.57 -19.97
N GLU A 263 -7.41 -8.29 -21.26
CA GLU A 263 -6.35 -7.51 -21.91
C GLU A 263 -6.04 -6.27 -21.13
N GLY A 264 -4.75 -6.04 -20.88
CA GLY A 264 -4.31 -4.81 -20.23
C GLY A 264 -4.22 -4.97 -18.74
N GLY A 265 -4.66 -6.11 -18.21
CA GLY A 265 -4.53 -6.39 -16.80
C GLY A 265 -3.05 -6.39 -16.43
N ARG A 266 -2.77 -5.96 -15.19
CA ARG A 266 -1.39 -5.84 -14.72
C ARG A 266 -1.17 -6.55 -13.39
N ILE A 267 0.00 -7.17 -13.27
CA ILE A 267 0.42 -7.85 -12.07
C ILE A 267 1.82 -7.35 -11.75
N VAL A 268 2.00 -6.81 -10.53
CA VAL A 268 3.29 -6.43 -10.04
C VAL A 268 3.67 -7.45 -8.98
N SER A 269 4.86 -8.01 -9.08
CA SER A 269 5.27 -9.06 -8.19
C SER A 269 6.74 -8.92 -7.85
N SER A 270 7.19 -9.69 -6.87
CA SER A 270 8.57 -9.70 -6.47
C SER A 270 9.34 -10.87 -7.10
N LYS A 271 8.64 -11.73 -7.82
CA LYS A 271 9.29 -12.79 -8.58
C LYS A 271 8.46 -12.94 -9.83
N PRO A 272 9.11 -13.02 -10.99
CA PRO A 272 8.35 -12.98 -12.22
C PRO A 272 7.62 -14.29 -12.44
N PHE A 273 6.44 -14.21 -13.03
CA PHE A 273 5.64 -15.39 -13.31
C PHE A 273 5.96 -15.96 -14.68
N ALA A 274 6.83 -15.32 -15.44
CA ALA A 274 7.22 -15.80 -16.77
C ALA A 274 8.61 -15.27 -17.08
N PRO A 275 9.37 -15.96 -17.93
CA PRO A 275 10.72 -15.42 -18.26
C PRO A 275 10.63 -14.07 -18.93
N LEU A 276 11.64 -13.22 -18.71
CA LEU A 276 11.67 -11.86 -19.28
C LEU A 276 11.92 -11.85 -20.79
N ASN A 277 12.60 -12.89 -21.27
CA ASN A 277 12.83 -13.01 -22.71
CA ASN A 277 12.92 -13.08 -22.67
C ASN A 277 12.21 -14.32 -23.21
N PHE A 278 10.89 -14.37 -23.06
CA PHE A 278 10.12 -15.52 -23.47
C PHE A 278 10.13 -15.55 -24.98
N ARG A 279 10.36 -16.74 -25.55
CA ARG A 279 10.35 -16.92 -26.99
C ARG A 279 9.39 -18.07 -27.30
N ILE A 280 8.39 -17.76 -28.10
CA ILE A 280 7.22 -18.59 -28.23
C ILE A 280 7.45 -19.61 -29.32
N ASN A 281 7.17 -20.87 -29.01
CA ASN A 281 7.34 -21.96 -29.96
C ASN A 281 6.36 -23.07 -29.65
N SER A 282 6.46 -24.19 -30.37
CA SER A 282 5.50 -25.28 -30.24
C SER A 282 5.49 -25.96 -28.87
N ARG A 283 6.65 -26.02 -28.21
CA ARG A 283 6.76 -26.70 -26.91
C ARG A 283 6.25 -25.86 -25.73
N ASN A 284 6.25 -24.53 -25.85
CA ASN A 284 5.77 -23.66 -24.77
C ASN A 284 4.47 -22.88 -25.12
N LEU A 285 3.65 -23.45 -25.98
CA LEU A 285 2.43 -22.80 -26.49
C LEU A 285 1.42 -22.41 -25.44
N SER A 286 1.36 -23.16 -24.36
CA SER A 286 0.33 -22.96 -23.35
C SER A 286 0.86 -22.23 -22.11
N ASP A 287 2.15 -21.96 -22.05
CA ASP A 287 2.73 -21.25 -20.92
C ASP A 287 2.25 -19.78 -20.90
N ILE A 288 2.18 -19.22 -19.70
CA ILE A 288 1.65 -17.87 -19.44
C ILE A 288 2.47 -16.78 -20.17
N GLY A 289 3.73 -17.05 -20.48
CA GLY A 289 4.51 -16.13 -21.31
C GLY A 289 3.95 -15.86 -22.71
N THR A 290 3.02 -16.67 -23.17
CA THR A 290 2.42 -16.44 -24.47
C THR A 290 1.45 -15.29 -24.45
N ILE A 291 1.01 -14.87 -23.27
CA ILE A 291 -0.04 -13.87 -23.19
C ILE A 291 0.29 -12.67 -22.31
N MET A 292 1.58 -12.44 -22.02
CA MET A 292 1.95 -11.27 -21.22
C MET A 292 3.37 -10.75 -21.47
N ARG A 293 3.50 -9.43 -21.56
CA ARG A 293 4.81 -8.77 -21.53
C ARG A 293 5.29 -8.74 -20.09
N VAL A 294 6.55 -9.10 -19.85
CA VAL A 294 7.14 -8.99 -18.52
C VAL A 294 8.36 -8.08 -18.55
N VAL A 295 8.37 -7.10 -17.67
CA VAL A 295 9.53 -6.22 -17.52
C VAL A 295 10.01 -6.16 -16.08
N GLU A 296 11.31 -5.98 -15.93
CA GLU A 296 11.94 -5.78 -14.65
C GLU A 296 11.84 -4.29 -14.40
N LEU A 297 11.22 -3.89 -13.30
CA LEU A 297 11.01 -2.48 -13.04
C LEU A 297 12.30 -1.89 -12.55
N SER A 298 12.36 -0.57 -12.59
CA SER A 298 13.51 0.18 -12.14
C SER A 298 13.64 0.02 -10.63
N PRO A 299 14.81 -0.46 -10.15
CA PRO A 299 14.96 -0.56 -8.70
C PRO A 299 15.03 0.81 -8.03
N LEU A 300 14.94 0.82 -6.71
CA LEU A 300 14.93 2.04 -5.93
C LEU A 300 16.23 2.11 -5.15
N LYS A 301 17.09 3.09 -5.47
CA LYS A 301 18.38 3.20 -4.79
C LYS A 301 18.15 3.33 -3.29
N GLY A 302 19.06 2.76 -2.51
CA GLY A 302 18.90 2.71 -1.05
C GLY A 302 17.83 1.70 -0.62
N SER A 303 18.06 0.44 -1.00
CA SER A 303 17.16 -0.67 -0.68
C SER A 303 17.88 -2.02 -0.85
N VAL A 304 18.51 -2.53 0.23
CA VAL A 304 19.07 -3.90 0.24
C VAL A 304 17.92 -4.92 0.40
N SER A 305 18.25 -6.22 0.41
CA SER A 305 17.26 -7.29 0.53
C SER A 305 17.40 -8.03 1.88
N LYS A 309 22.75 -5.57 -3.44
CA LYS A 309 21.78 -5.90 -4.49
C LYS A 309 20.43 -5.35 -4.11
N PRO A 310 19.89 -4.40 -4.89
CA PRO A 310 18.57 -3.87 -4.50
C PRO A 310 17.41 -4.84 -4.70
N VAL A 311 16.25 -4.48 -4.18
CA VAL A 311 15.05 -5.27 -4.36
C VAL A 311 14.59 -5.04 -5.79
N SER A 312 14.49 -6.12 -6.56
CA SER A 312 14.00 -6.04 -7.94
C SER A 312 12.53 -6.43 -7.92
N TYR A 313 11.77 -5.94 -8.88
CA TYR A 313 10.36 -6.28 -8.95
C TYR A 313 9.82 -6.20 -10.38
N TYR A 314 8.71 -6.88 -10.63
CA TYR A 314 8.36 -7.26 -11.99
C TYR A 314 6.94 -6.85 -12.34
N LEU A 315 6.77 -6.29 -13.53
CA LEU A 315 5.48 -5.88 -14.05
C LEU A 315 5.08 -6.78 -15.23
N HIS A 316 3.91 -7.40 -15.12
CA HIS A 316 3.38 -8.23 -16.17
C HIS A 316 2.15 -7.57 -16.71
N THR A 317 2.04 -7.51 -18.05
CA THR A 317 0.85 -6.93 -18.66
C THR A 317 0.23 -7.94 -19.63
N ILE A 318 -1.05 -8.23 -19.43
CA ILE A 318 -1.76 -9.18 -20.28
C ILE A 318 -1.84 -8.60 -21.67
N ASP A 319 -1.31 -9.35 -22.64
CA ASP A 319 -1.21 -8.90 -24.02
C ASP A 319 -1.24 -10.10 -24.98
N ARG A 320 -2.43 -10.42 -25.49
CA ARG A 320 -2.61 -11.63 -26.29
C ARG A 320 -2.16 -11.46 -27.74
N THR A 321 -1.71 -10.27 -28.11
CA THR A 321 -1.19 -10.04 -29.46
C THR A 321 0.13 -10.78 -29.69
N ILE A 322 0.83 -11.10 -28.61
CA ILE A 322 2.05 -11.92 -28.69
C ILE A 322 1.72 -13.29 -29.33
N LEU A 323 0.60 -13.83 -28.88
CA LEU A 323 0.13 -15.12 -29.33
C LEU A 323 -0.51 -15.01 -30.72
N GLU A 324 -1.26 -13.92 -30.96
CA GLU A 324 -1.85 -13.70 -32.28
C GLU A 324 -0.79 -13.65 -33.38
N ASN A 325 0.30 -12.93 -33.12
CA ASN A 325 1.39 -12.82 -34.12
C ASN A 325 2.10 -14.15 -34.38
N TYR A 326 2.26 -14.95 -33.34
CA TYR A 326 2.82 -16.28 -33.51
C TYR A 326 1.97 -17.09 -34.45
N PHE A 327 0.66 -17.09 -34.24
CA PHE A 327 -0.23 -17.85 -35.09
C PHE A 327 -0.25 -17.33 -36.52
N SER A 328 -0.26 -16.00 -36.69
CA SER A 328 -0.14 -15.43 -38.04
C SER A 328 1.16 -15.83 -38.72
N SER A 329 2.24 -15.89 -37.95
CA SER A 329 3.53 -16.24 -38.49
C SER A 329 3.51 -17.66 -39.03
N LEU A 330 2.79 -18.55 -38.35
CA LEU A 330 2.68 -19.95 -38.80
C LEU A 330 1.98 -20.13 -40.13
N LYS A 331 1.14 -19.17 -40.52
CA LYS A 331 0.39 -19.21 -41.77
C LYS A 331 1.24 -18.75 -42.95
N ASN A 332 2.30 -18.01 -42.64
CA ASN A 332 3.24 -17.52 -43.62
C ASN A 332 4.35 -18.56 -43.88
N PRO A 333 4.40 -19.15 -45.07
CA PRO A 333 5.42 -20.20 -45.25
C PRO A 333 6.87 -19.76 -45.12
N LYS A 334 7.19 -18.50 -45.43
CA LYS A 334 8.53 -17.94 -45.19
C LYS A 334 8.85 -17.92 -43.68
N LEU A 335 8.07 -17.18 -42.91
CA LEU A 335 8.27 -17.11 -41.46
C LEU A 335 8.21 -18.50 -40.82
N ARG A 336 7.32 -19.34 -41.32
CA ARG A 336 7.20 -20.71 -40.83
C ARG A 336 8.51 -21.49 -41.00
N GLU A 337 9.15 -21.34 -42.15
CA GLU A 337 10.43 -22.01 -42.41
C GLU A 337 11.52 -21.50 -41.47
N GLU A 338 11.56 -20.18 -41.25
CA GLU A 338 12.53 -19.60 -40.33
C GLU A 338 12.42 -20.25 -38.93
N GLN A 339 11.24 -20.15 -38.32
CA GLN A 339 10.98 -20.78 -37.01
C GLN A 339 11.38 -22.25 -36.99
N GLU A 340 11.20 -22.95 -38.11
CA GLU A 340 11.61 -24.36 -38.22
C GLU A 340 13.14 -24.52 -38.42
N ALA A 341 13.90 -23.45 -38.18
CA ALA A 341 15.36 -23.53 -38.22
C ALA A 341 15.87 -24.27 -36.97
N ALA A 342 15.55 -23.70 -35.79
CA ALA A 342 15.83 -24.32 -34.47
C ALA A 342 16.61 -25.64 -34.53
C2 0QK B . -4.81 -15.59 1.26
C4 0QK B . -2.64 -15.71 1.76
C5 0QK B . -2.47 -16.82 0.94
C6 0QK B . -3.62 -17.29 0.26
CBI 0QK B . 5.74 -6.67 -5.43
CBH 0QK B . 5.58 -5.46 -4.50
CBJ 0QK B . 6.93 -5.12 -3.97
CBK 0QK B . 5.07 -4.29 -5.31
CBE 0QK B . 4.62 -5.79 -3.39
CBF 0QK B . 3.44 -6.46 -3.64
CBG 0QK B . 2.55 -6.76 -2.63
CBD 0QK B . 4.88 -5.40 -2.08
CBC 0QK B . 4.01 -5.70 -1.06
CBB 0QK B . 2.84 -6.39 -1.33
NAZ 0QK B . 1.90 -6.72 -0.33
CAY 0QK B . 2.18 -7.02 0.96
OBA 0QK B . 3.33 -7.09 1.40
NAX 0QK B . 1.11 -7.27 1.71
CAW 0QK B . 1.21 -7.66 3.10
CAV 0QK B . 1.04 -9.17 3.27
CAT 0QK B . 2.13 -9.97 2.61
NAS 0QK B . 1.75 -11.32 2.15
CAU 0QK B . 2.66 -11.85 1.10
CBM 0QK B . 2.13 -13.13 0.48
CBL 0QK B . 4.10 -11.99 1.62
CAR 0QK B . 1.70 -12.27 3.29
CAN 0QK B . 0.26 -12.53 3.70
OAO 0QK B . -0.39 -13.30 2.66
CAM 0QK B . 0.14 -13.35 5.00
OAQ 0QK B . -0.80 -12.75 5.89
CAL 0QK B . -0.38 -14.72 4.49
OAP 0QK B . -1.25 -15.35 5.43
CAK 0QK B . -1.17 -14.30 3.26
NAG 0QK B . -1.41 -15.38 2.32
CAH 0QK B . -0.48 -16.32 1.85
CAI 0QK B . -1.08 -17.20 1.01
N3 0QK B . -3.79 -15.05 1.96
N1 0QK B . -4.79 -16.65 0.45
NAJ 0QK B . -3.61 -18.33 -0.53
C2 0QK C . 13.96 -12.31 12.67
C4 0QK C . 12.21 -11.22 13.52
C5 0QK C . 13.04 -10.30 14.16
C6 0QK C . 14.43 -10.48 14.00
CBI 0QK C . 4.05 1.40 8.00
CBH 0QK C . 3.11 0.37 7.37
CBJ 0QK C . 1.75 0.46 8.05
CBK 0QK C . 2.92 0.73 5.90
CBE 0QK C . 3.68 -1.05 7.54
CBF 0QK C . 3.61 -1.69 8.77
CBG 0QK C . 4.12 -2.96 8.94
CBD 0QK C . 4.30 -1.71 6.49
CBC 0QK C . 4.83 -2.98 6.66
CBB 0QK C . 4.72 -3.63 7.89
NAZ 0QK C . 5.26 -4.91 8.09
CAY 0QK C . 4.65 -5.98 8.70
OBA 0QK C . 3.50 -5.94 9.15
NAX 0QK C . 5.41 -7.08 8.77
CAW 0QK C . 4.94 -8.31 9.37
CAV 0QK C . 5.16 -8.34 10.87
CAT 0QK C . 6.59 -8.12 11.32
NAS 0QK C . 6.73 -8.18 12.82
CAU 0QK C . 6.75 -6.85 13.51
CBM 0QK C . 7.02 -5.69 12.55
CBL 0QK C . 7.74 -6.80 14.68
CAR 0QK C . 7.84 -9.07 13.31
CAN 0QK C . 7.80 -10.46 12.66
OAO 0QK C . 9.15 -10.82 12.29
CAM 0QK C . 7.37 -11.57 13.59
OAQ 0QK C . 7.01 -12.71 12.82
CAL 0QK C . 8.64 -11.88 14.36
OAP 0QK C . 8.66 -13.24 14.76
CAK 0QK C . 9.73 -11.61 13.31
NAG 0QK C . 10.90 -10.91 13.81
CAH 0QK C . 10.91 -9.76 14.62
CAI 0QK C . 12.18 -9.38 14.86
N3 0QK C . 12.62 -12.26 12.76
N1 0QK C . 14.86 -11.51 13.23
NAJ 0QK C . 15.34 -9.68 14.54
UNK UNX D . 8.67 15.74 8.47
UNK UNX E . 7.47 -6.98 6.98
UNK UNX F . -13.17 -8.05 -7.51
UNK UNX G . -0.72 16.09 2.75
UNK UNX H . -2.69 18.13 26.48
#